data_7B34
#
_entry.id   7B34
#
_cell.length_a   99.262
_cell.length_b   59.067
_cell.length_c   61.795
_cell.angle_alpha   90.000
_cell.angle_beta   93.050
_cell.angle_gamma   90.000
#
_symmetry.space_group_name_H-M   'C 1 2 1'
#
loop_
_entity.id
_entity.type
_entity.pdbx_description
1 polymer 'Serine/threonine-protein kinase 24'
2 non-polymer 1,2-ETHANEDIOL
3 non-polymer 8-[(5-azanyl-1,3-dioxan-2-yl)methyl]-6-[2-chloranyl-4-(3-fluoranyl-6-methyl-pyridin-2-yl)phenyl]-2-(methylamino)pyrido[2,3-d]pyrimidin-7-one
4 water water
#
_entity_poly.entity_id   1
_entity_poly.type   'polypeptide(L)'
_entity_poly.pdbx_seq_one_letter_code
;MRAQLWGLALNKRRATLPHPGGSTNLKADPEELFTKLEKIGKGSFGEVFKGIDNRTQKVVAIKIIDLEEAEDEIEDIQQE
ITVLSQCDSPYVTKYYGSYLKDTKLWIIMEYLGGGSALDLLEPGPLDETQIATILREILKGLDYLHSEKKIHRDIKAANV
LLSEHGEVKLADFGVAGQLTDTQIKRNTFVGTPFWMAPEVIKQSAYDSKADIWSLGITAIELARGEPPHSELHPMKVLFL
IPKNNPPTLEGNYSKPLKEFVEACLNKEPSFRPTAKELLKHKFILRNAKKTSYLTELIDAHHHHHH
;
_entity_poly.pdbx_strand_id   A
#
loop_
_chem_comp.id
_chem_comp.type
_chem_comp.name
_chem_comp.formula
EDO non-polymer 1,2-ETHANEDIOL 'C2 H6 O2'
SQK non-polymer 8-[(5-azanyl-1,3-dioxan-2-yl)methyl]-6-[2-chloranyl-4-(3-fluoranyl-6-methyl-pyridin-2-yl)phenyl]-2-(methylamino)pyrido[2,3-d]pyrimidin-7-one 'C25 H24 Cl F N6 O3'
#
# COMPACT_ATOMS: atom_id res chain seq x y z
N THR A 24 -16.30 -16.09 6.62
CA THR A 24 -17.22 -15.02 6.98
C THR A 24 -17.96 -15.43 8.26
N ASN A 25 -19.07 -14.75 8.59
CA ASN A 25 -19.78 -15.00 9.85
C ASN A 25 -21.21 -14.48 9.70
N LEU A 26 -22.15 -15.38 9.39
CA LEU A 26 -23.54 -14.99 9.18
C LEU A 26 -24.37 -15.02 10.47
N LYS A 27 -23.80 -15.46 11.58
CA LYS A 27 -24.54 -15.63 12.83
C LYS A 27 -24.51 -14.38 13.71
N ALA A 28 -23.32 -13.84 13.95
CA ALA A 28 -23.15 -12.72 14.88
C ALA A 28 -23.55 -11.40 14.24
N ASP A 29 -23.87 -10.43 15.09
CA ASP A 29 -24.35 -9.12 14.68
C ASP A 29 -23.23 -8.10 14.85
N PRO A 30 -22.61 -7.64 13.75
CA PRO A 30 -21.46 -6.73 13.91
C PRO A 30 -21.79 -5.42 14.59
N GLU A 31 -23.03 -4.94 14.52
CA GLU A 31 -23.36 -3.69 15.17
C GLU A 31 -23.40 -3.84 16.68
N GLU A 32 -23.50 -5.07 17.18
CA GLU A 32 -23.34 -5.33 18.61
C GLU A 32 -21.87 -5.43 19.00
N LEU A 33 -21.06 -6.11 18.17
CA LEU A 33 -19.65 -6.36 18.46
C LEU A 33 -18.76 -5.15 18.22
N PHE A 34 -19.19 -4.15 17.44
CA PHE A 34 -18.33 -3.02 17.14
C PHE A 34 -19.14 -1.73 17.22
N THR A 35 -18.49 -0.68 17.72
CA THR A 35 -19.01 0.67 17.70
C THR A 35 -18.37 1.41 16.53
N LYS A 36 -19.20 1.86 15.59
CA LYS A 36 -18.73 2.49 14.37
C LYS A 36 -18.56 3.99 14.61
N LEU A 37 -17.36 4.52 14.34
CA LEU A 37 -17.06 5.92 14.56
C LEU A 37 -16.91 6.63 13.20
N GLU A 38 -16.05 7.65 13.15
CA GLU A 38 -15.98 8.51 11.96
C GLU A 38 -15.43 7.76 10.75
N LYS A 39 -15.84 8.22 9.57
CA LYS A 39 -15.36 7.63 8.34
C LYS A 39 -13.90 8.06 8.12
N ILE A 40 -13.06 7.11 7.76
CA ILE A 40 -11.66 7.42 7.46
C ILE A 40 -11.47 7.32 5.95
N GLY A 41 -12.41 7.89 5.20
CA GLY A 41 -12.37 7.95 3.77
C GLY A 41 -13.13 6.80 3.11
N LYS A 42 -13.46 7.00 1.83
CA LYS A 42 -13.95 5.89 1.03
C LYS A 42 -12.80 4.95 0.69
N GLY A 43 -13.16 3.72 0.33
CA GLY A 43 -12.16 2.73 -0.05
C GLY A 43 -12.67 1.81 -1.14
N SER A 44 -11.98 0.68 -1.34
CA SER A 44 -12.43 -0.37 -2.25
C SER A 44 -13.85 -0.81 -1.93
N PHE A 45 -14.80 -0.52 -2.83
CA PHE A 45 -16.16 -1.08 -2.87
C PHE A 45 -17.08 -0.62 -1.73
N GLY A 46 -16.64 0.28 -0.86
CA GLY A 46 -17.49 0.74 0.22
C GLY A 46 -16.81 1.81 1.05
N GLU A 47 -17.56 2.32 2.02
CA GLU A 47 -17.02 3.28 2.97
C GLU A 47 -16.31 2.57 4.12
N VAL A 48 -15.32 3.25 4.70
CA VAL A 48 -14.48 2.68 5.74
C VAL A 48 -14.55 3.60 6.95
N PHE A 49 -14.69 2.99 8.13
CA PHE A 49 -14.88 3.73 9.37
C PHE A 49 -13.87 3.30 10.42
N LYS A 50 -13.39 4.26 11.20
CA LYS A 50 -12.79 3.93 12.48
C LYS A 50 -13.86 3.36 13.40
N GLY A 51 -13.49 2.37 14.21
CA GLY A 51 -14.46 1.78 15.12
C GLY A 51 -13.79 1.15 16.32
N ILE A 52 -14.63 0.78 17.29
CA ILE A 52 -14.17 0.18 18.56
C ILE A 52 -14.72 -1.24 18.65
N ASP A 53 -13.83 -2.20 18.86
CA ASP A 53 -14.20 -3.56 19.24
C ASP A 53 -14.72 -3.51 20.66
N ASN A 54 -16.02 -3.73 20.84
CA ASN A 54 -16.60 -3.46 22.15
C ASN A 54 -16.11 -4.43 23.23
N ARG A 55 -15.51 -5.56 22.88
CA ARG A 55 -15.03 -6.49 23.90
C ARG A 55 -13.64 -6.14 24.41
N THR A 56 -12.75 -5.71 23.52
CA THR A 56 -11.38 -5.35 23.89
C THR A 56 -11.16 -3.85 23.99
N GLN A 57 -12.05 -3.08 23.37
CA GLN A 57 -11.90 -1.63 23.17
C GLN A 57 -10.65 -1.25 22.37
N LYS A 58 -10.07 -2.21 21.63
CA LYS A 58 -9.07 -1.86 20.61
C LYS A 58 -9.75 -1.12 19.46
N VAL A 59 -8.98 -0.31 18.75
CA VAL A 59 -9.54 0.43 17.62
C VAL A 59 -9.43 -0.42 16.37
N VAL A 60 -10.51 -0.48 15.59
CA VAL A 60 -10.50 -1.23 14.34
C VAL A 60 -10.90 -0.31 13.18
N ALA A 61 -10.56 -0.75 11.97
CA ALA A 61 -11.09 -0.17 10.74
C ALA A 61 -12.19 -1.08 10.22
N ILE A 62 -13.33 -0.48 9.90
CA ILE A 62 -14.52 -1.20 9.45
C ILE A 62 -14.87 -0.77 8.04
N LYS A 63 -14.73 -1.68 7.08
CA LYS A 63 -15.24 -1.43 5.73
C LYS A 63 -16.63 -2.04 5.60
N ILE A 64 -17.57 -1.24 5.09
CA ILE A 64 -18.95 -1.68 4.93
C ILE A 64 -19.31 -1.66 3.46
N ILE A 65 -19.65 -2.82 2.92
CA ILE A 65 -19.98 -2.95 1.50
C ILE A 65 -21.44 -3.36 1.39
N ASP A 66 -22.20 -2.57 0.64
CA ASP A 66 -23.58 -2.91 0.31
C ASP A 66 -23.57 -3.93 -0.82
N LEU A 67 -24.00 -5.15 -0.53
CA LEU A 67 -23.92 -6.20 -1.52
C LEU A 67 -25.03 -6.13 -2.56
N GLU A 68 -26.13 -5.42 -2.27
CA GLU A 68 -27.11 -5.12 -3.32
C GLU A 68 -26.51 -4.19 -4.37
N GLU A 69 -25.69 -3.23 -3.95
CA GLU A 69 -25.16 -2.20 -4.85
C GLU A 69 -23.91 -2.64 -5.60
N ALA A 70 -23.40 -3.84 -5.36
CA ALA A 70 -22.16 -4.29 -6.00
C ALA A 70 -22.31 -5.78 -6.33
N GLU A 71 -23.01 -6.07 -7.44
CA GLU A 71 -23.16 -7.44 -7.87
C GLU A 71 -21.84 -7.99 -8.42
N ASP A 72 -21.33 -7.41 -9.50
CA ASP A 72 -20.19 -8.01 -10.19
C ASP A 72 -18.90 -7.94 -9.39
N GLU A 73 -18.84 -7.14 -8.34
CA GLU A 73 -17.58 -7.00 -7.61
C GLU A 73 -17.41 -8.03 -6.49
N ILE A 74 -18.42 -8.86 -6.21
CA ILE A 74 -18.37 -9.69 -5.00
C ILE A 74 -17.20 -10.66 -5.05
N GLU A 75 -16.93 -11.24 -6.23
CA GLU A 75 -15.84 -12.20 -6.34
C GLU A 75 -14.49 -11.55 -6.01
N ASP A 76 -14.27 -10.31 -6.47
CA ASP A 76 -13.04 -9.62 -6.11
C ASP A 76 -12.97 -9.37 -4.62
N ILE A 77 -14.11 -9.05 -3.99
CA ILE A 77 -14.13 -8.83 -2.55
C ILE A 77 -13.67 -10.09 -1.82
N GLN A 78 -14.23 -11.25 -2.19
CA GLN A 78 -13.86 -12.50 -1.53
C GLN A 78 -12.40 -12.85 -1.78
N GLN A 79 -11.92 -12.62 -3.00
CA GLN A 79 -10.53 -12.91 -3.33
C GLN A 79 -9.58 -12.15 -2.42
N GLU A 80 -9.89 -10.88 -2.11
CA GLU A 80 -9.01 -10.13 -1.20
C GLU A 80 -9.17 -10.61 0.25
N ILE A 81 -10.39 -11.00 0.64
CA ILE A 81 -10.59 -11.60 1.97
C ILE A 81 -9.72 -12.84 2.11
N THR A 82 -9.74 -13.73 1.12
CA THR A 82 -8.94 -14.94 1.20
C THR A 82 -7.44 -14.63 1.35
N VAL A 83 -6.92 -13.72 0.53
CA VAL A 83 -5.50 -13.41 0.56
C VAL A 83 -5.11 -12.79 1.90
N LEU A 84 -5.92 -11.87 2.41
CA LEU A 84 -5.60 -11.22 3.67
C LEU A 84 -5.60 -12.21 4.83
N SER A 85 -6.49 -13.20 4.75
CA SER A 85 -6.60 -14.15 5.84
C SER A 85 -5.45 -15.15 5.83
N GLN A 86 -4.75 -15.27 4.71
CA GLN A 86 -3.58 -16.15 4.63
C GLN A 86 -2.29 -15.44 5.02
N CYS A 87 -2.33 -14.14 5.27
CA CYS A 87 -1.14 -13.38 5.63
C CYS A 87 -1.02 -13.30 7.13
N ASP A 88 0.14 -13.68 7.65
CA ASP A 88 0.49 -13.48 9.06
C ASP A 88 1.88 -12.83 9.09
N SER A 89 1.94 -11.50 9.06
CA SER A 89 3.20 -10.82 8.97
C SER A 89 3.12 -9.46 9.68
N PRO A 90 4.18 -9.01 10.34
CA PRO A 90 4.18 -7.63 10.87
C PRO A 90 4.04 -6.57 9.81
N TYR A 91 4.28 -6.89 8.53
CA TYR A 91 4.29 -5.90 7.45
C TYR A 91 3.05 -5.95 6.57
N VAL A 92 2.03 -6.72 6.95
CA VAL A 92 0.75 -6.76 6.25
C VAL A 92 -0.35 -6.47 7.27
N THR A 93 -1.22 -5.51 6.96
CA THR A 93 -2.32 -5.14 7.86
C THR A 93 -3.11 -6.37 8.29
N LYS A 94 -3.31 -6.49 9.60
CA LYS A 94 -4.02 -7.65 10.16
C LYS A 94 -5.50 -7.63 9.79
N TYR A 95 -6.03 -8.82 9.48
CA TYR A 95 -7.43 -9.03 9.12
C TYR A 95 -8.11 -9.75 10.28
N TYR A 96 -9.24 -9.21 10.76
CA TYR A 96 -9.91 -9.83 11.90
C TYR A 96 -11.14 -10.65 11.51
N GLY A 97 -11.78 -10.40 10.38
CA GLY A 97 -12.89 -11.23 9.94
C GLY A 97 -13.99 -10.42 9.26
N SER A 98 -15.06 -11.08 8.81
CA SER A 98 -16.13 -10.34 8.15
C SER A 98 -17.47 -10.85 8.64
N TYR A 99 -18.49 -10.01 8.47
CA TYR A 99 -19.82 -10.31 8.96
C TYR A 99 -20.84 -9.83 7.96
N LEU A 100 -21.94 -10.58 7.86
CA LEU A 100 -23.08 -10.21 7.04
C LEU A 100 -24.22 -9.76 7.96
N LYS A 101 -24.65 -8.50 7.81
CA LYS A 101 -25.83 -7.98 8.49
C LYS A 101 -26.79 -7.44 7.43
N ASP A 102 -27.93 -8.11 7.25
CA ASP A 102 -28.87 -7.81 6.17
C ASP A 102 -28.13 -7.79 4.84
N THR A 103 -28.15 -6.68 4.14
CA THR A 103 -27.48 -6.63 2.84
C THR A 103 -26.02 -6.20 2.92
N LYS A 104 -25.50 -5.91 4.10
CA LYS A 104 -24.22 -5.24 4.23
C LYS A 104 -23.16 -6.18 4.79
N LEU A 105 -22.02 -6.24 4.13
CA LEU A 105 -20.87 -7.03 4.55
C LEU A 105 -19.92 -6.12 5.33
N TRP A 106 -19.68 -6.45 6.60
CA TRP A 106 -18.71 -5.71 7.42
C TRP A 106 -17.38 -6.44 7.36
N ILE A 107 -16.31 -5.72 7.08
CA ILE A 107 -14.97 -6.30 7.04
C ILE A 107 -14.11 -5.57 8.05
N ILE A 108 -13.50 -6.32 8.96
CA ILE A 108 -12.82 -5.76 10.12
C ILE A 108 -11.31 -5.95 9.97
N MET A 109 -10.57 -4.85 10.05
CA MET A 109 -9.11 -4.90 10.07
C MET A 109 -8.60 -4.10 11.25
N GLU A 110 -7.31 -4.25 11.54
CA GLU A 110 -6.71 -3.40 12.56
C GLU A 110 -6.64 -1.95 12.06
N TYR A 111 -6.80 -1.02 12.98
CA TYR A 111 -6.68 0.40 12.66
C TYR A 111 -5.23 0.85 12.81
N LEU A 112 -4.70 1.48 11.77
CA LEU A 112 -3.33 2.00 11.79
C LEU A 112 -3.42 3.53 11.82
N GLY A 113 -3.11 4.11 12.99
CA GLY A 113 -3.37 5.50 13.30
C GLY A 113 -2.40 6.48 12.73
N GLY A 114 -1.33 6.03 12.09
CA GLY A 114 -0.44 7.00 11.51
C GLY A 114 -0.87 7.51 10.17
N GLY A 115 -1.87 6.86 9.54
CA GLY A 115 -2.31 7.22 8.21
C GLY A 115 -1.46 6.54 7.15
N SER A 116 -1.68 6.95 5.90
CA SER A 116 -0.94 6.41 4.76
C SER A 116 0.30 7.23 4.48
N ALA A 117 1.30 6.58 3.86
CA ALA A 117 2.49 7.29 3.42
C ALA A 117 2.12 8.49 2.55
N LEU A 118 1.11 8.33 1.69
CA LEU A 118 0.67 9.45 0.85
C LEU A 118 0.23 10.63 1.70
N ASP A 119 -0.57 10.37 2.74
CA ASP A 119 -0.96 11.44 3.66
C ASP A 119 0.26 12.15 4.21
N LEU A 120 1.30 11.39 4.57
CA LEU A 120 2.41 11.98 5.29
C LEU A 120 3.30 12.82 4.39
N LEU A 121 3.03 12.84 3.09
CA LEU A 121 3.69 13.76 2.17
C LEU A 121 3.14 15.19 2.25
N GLU A 122 1.96 15.40 2.84
CA GLU A 122 1.31 16.71 2.73
C GLU A 122 2.13 17.86 3.31
N PRO A 123 2.69 17.78 4.52
CA PRO A 123 3.36 18.97 5.07
C PRO A 123 4.60 19.40 4.30
N GLY A 124 5.16 18.55 3.43
CA GLY A 124 6.39 18.90 2.76
C GLY A 124 7.19 17.68 2.34
N PRO A 125 8.38 17.91 1.76
CA PRO A 125 9.15 16.77 1.25
C PRO A 125 9.69 15.88 2.35
N LEU A 126 9.79 14.59 2.05
CA LEU A 126 10.52 13.66 2.90
C LEU A 126 12.01 13.79 2.64
N ASP A 127 12.81 13.51 3.67
CA ASP A 127 14.26 13.40 3.45
C ASP A 127 14.61 11.94 3.14
N GLU A 128 15.85 11.73 2.71
CA GLU A 128 16.21 10.41 2.20
C GLU A 128 16.26 9.35 3.30
N THR A 129 16.48 9.73 4.56
CA THR A 129 16.32 8.78 5.65
C THR A 129 14.89 8.28 5.73
N GLN A 130 13.92 9.20 5.70
CA GLN A 130 12.50 8.80 5.77
C GLN A 130 12.11 7.96 4.56
N ILE A 131 12.58 8.35 3.38
CA ILE A 131 12.28 7.61 2.16
C ILE A 131 12.84 6.19 2.27
N ALA A 132 14.11 6.07 2.67
CA ALA A 132 14.74 4.77 2.77
C ALA A 132 14.08 3.91 3.83
N THR A 133 13.65 4.52 4.94
CA THR A 133 13.02 3.73 6.00
C THR A 133 11.69 3.17 5.52
N ILE A 134 10.89 3.99 4.84
CA ILE A 134 9.61 3.52 4.35
C ILE A 134 9.81 2.46 3.27
N LEU A 135 10.74 2.70 2.34
CA LEU A 135 11.05 1.73 1.30
C LEU A 135 11.54 0.40 1.89
N ARG A 136 12.34 0.45 2.96
CA ARG A 136 12.84 -0.79 3.55
C ARG A 136 11.69 -1.61 4.14
N GLU A 137 10.75 -0.97 4.84
CA GLU A 137 9.67 -1.74 5.44
C GLU A 137 8.75 -2.32 4.36
N ILE A 138 8.50 -1.55 3.29
CA ILE A 138 7.76 -2.06 2.14
C ILE A 138 8.45 -3.28 1.57
N LEU A 139 9.76 -3.18 1.38
CA LEU A 139 10.51 -4.33 0.87
C LEU A 139 10.35 -5.53 1.80
N LYS A 140 10.29 -5.31 3.10
CA LYS A 140 10.11 -6.43 4.01
C LYS A 140 8.75 -7.07 3.80
N GLY A 141 7.72 -6.25 3.56
CA GLY A 141 6.42 -6.80 3.20
C GLY A 141 6.44 -7.56 1.89
N LEU A 142 7.09 -7.01 0.86
CA LEU A 142 7.12 -7.69 -0.45
C LEU A 142 7.92 -8.98 -0.37
N ASP A 143 9.01 -8.98 0.39
CA ASP A 143 9.77 -10.21 0.63
C ASP A 143 8.88 -11.29 1.27
N TYR A 144 8.06 -10.90 2.25
CA TYR A 144 7.16 -11.89 2.85
C TYR A 144 6.16 -12.41 1.84
N LEU A 145 5.44 -11.49 1.17
CA LEU A 145 4.42 -11.89 0.21
C LEU A 145 5.01 -12.74 -0.91
N HIS A 146 6.12 -12.29 -1.50
CA HIS A 146 6.73 -13.03 -2.61
C HIS A 146 7.25 -14.39 -2.16
N SER A 147 7.81 -14.46 -0.95
CA SER A 147 8.21 -15.76 -0.41
C SER A 147 7.01 -16.67 -0.19
N GLU A 148 5.81 -16.11 0.00
CA GLU A 148 4.59 -16.90 0.11
C GLU A 148 3.88 -17.08 -1.23
N LYS A 149 4.55 -16.76 -2.34
CA LYS A 149 4.00 -16.92 -3.69
C LYS A 149 2.76 -16.05 -3.89
N LYS A 150 2.78 -14.86 -3.31
CA LYS A 150 1.73 -13.87 -3.50
C LYS A 150 2.29 -12.62 -4.17
N ILE A 151 1.42 -11.88 -4.83
CA ILE A 151 1.76 -10.60 -5.44
C ILE A 151 0.83 -9.55 -4.84
N HIS A 152 1.38 -8.40 -4.45
CA HIS A 152 0.51 -7.38 -3.89
C HIS A 152 -0.40 -6.78 -4.95
N ARG A 153 0.18 -6.30 -6.05
CA ARG A 153 -0.45 -5.86 -7.30
C ARG A 153 -0.87 -4.39 -7.30
N ASP A 154 -0.76 -3.68 -6.18
CA ASP A 154 -1.09 -2.26 -6.16
C ASP A 154 -0.19 -1.53 -5.16
N ILE A 155 1.12 -1.68 -5.31
CA ILE A 155 2.04 -0.95 -4.44
C ILE A 155 2.06 0.54 -4.85
N LYS A 156 1.79 1.41 -3.88
CA LYS A 156 1.74 2.87 -4.06
C LYS A 156 1.68 3.49 -2.67
N ALA A 157 2.00 4.79 -2.56
CA ALA A 157 2.11 5.37 -1.21
C ALA A 157 0.75 5.40 -0.49
N ALA A 158 -0.36 5.48 -1.24
CA ALA A 158 -1.68 5.50 -0.63
C ALA A 158 -2.05 4.16 -0.01
N ASN A 159 -1.38 3.07 -0.43
CA ASN A 159 -1.66 1.75 0.10
C ASN A 159 -0.64 1.30 1.13
N VAL A 160 0.17 2.21 1.63
CA VAL A 160 1.14 1.93 2.66
C VAL A 160 0.66 2.65 3.91
N LEU A 161 0.39 1.89 4.98
CA LEU A 161 -0.18 2.44 6.20
C LEU A 161 0.84 2.38 7.31
N LEU A 162 0.85 3.41 8.18
CA LEU A 162 1.71 3.45 9.35
C LEU A 162 0.89 3.38 10.63
N SER A 163 1.38 2.61 11.60
CA SER A 163 0.85 2.69 12.95
C SER A 163 1.28 4.01 13.62
N GLU A 164 0.59 4.35 14.70
CA GLU A 164 0.95 5.51 15.49
C GLU A 164 2.37 5.43 16.05
N HIS A 165 2.99 4.24 16.10
CA HIS A 165 4.39 4.12 16.55
C HIS A 165 5.36 4.11 15.38
N GLY A 166 4.88 4.28 14.16
CA GLY A 166 5.73 4.36 13.01
C GLY A 166 5.97 3.07 12.27
N GLU A 167 5.30 1.98 12.66
CA GLU A 167 5.44 0.73 11.91
C GLU A 167 4.78 0.89 10.54
N VAL A 168 5.31 0.19 9.54
CA VAL A 168 4.87 0.38 8.15
C VAL A 168 4.29 -0.94 7.63
N LYS A 169 3.08 -0.86 7.06
CA LYS A 169 2.38 -2.08 6.64
C LYS A 169 1.71 -1.90 5.29
N LEU A 170 1.56 -3.00 4.57
CA LEU A 170 0.88 -2.96 3.27
C LEU A 170 -0.61 -3.19 3.44
N ALA A 171 -1.39 -2.57 2.55
CA ALA A 171 -2.84 -2.75 2.55
C ALA A 171 -3.34 -2.63 1.11
N ASP A 172 -4.67 -2.78 0.96
CA ASP A 172 -5.38 -2.61 -0.31
C ASP A 172 -4.68 -3.37 -1.44
N PHE A 173 -4.67 -4.70 -1.31
CA PHE A 173 -4.16 -5.54 -2.39
C PHE A 173 -4.96 -5.28 -3.67
N GLY A 174 -4.28 -5.31 -4.84
CA GLY A 174 -4.95 -5.14 -6.10
C GLY A 174 -5.66 -6.39 -6.58
N VAL A 175 -6.63 -6.21 -7.49
CA VAL A 175 -7.46 -7.33 -7.93
C VAL A 175 -6.69 -8.20 -8.92
N ALA A 176 -6.82 -9.50 -8.78
CA ALA A 176 -6.18 -10.46 -9.68
C ALA A 176 -6.95 -10.62 -10.99
N THR A 192 -6.52 3.00 -12.22
CA THR A 192 -5.55 4.07 -12.45
C THR A 192 -4.16 3.49 -12.77
N PRO A 193 -3.51 4.02 -13.81
CA PRO A 193 -2.39 3.30 -14.43
C PRO A 193 -0.99 3.65 -13.94
N PHE A 194 -0.83 4.72 -13.16
CA PHE A 194 0.47 5.37 -13.01
C PHE A 194 1.53 4.44 -12.39
N TRP A 195 1.11 3.52 -11.53
CA TRP A 195 2.05 2.66 -10.82
C TRP A 195 2.18 1.28 -11.45
N MET A 196 1.45 1.01 -12.54
CA MET A 196 1.45 -0.28 -13.19
C MET A 196 2.71 -0.51 -14.01
N ALA A 197 3.22 -1.74 -13.95
CA ALA A 197 4.35 -2.14 -14.79
C ALA A 197 3.91 -2.30 -16.24
N PRO A 198 4.85 -2.14 -17.20
CA PRO A 198 4.45 -2.23 -18.61
C PRO A 198 3.84 -3.57 -18.99
N GLU A 199 4.40 -4.67 -18.48
CA GLU A 199 3.89 -5.99 -18.78
C GLU A 199 2.52 -6.22 -18.14
N VAL A 200 2.20 -5.53 -17.05
CA VAL A 200 0.85 -5.59 -16.53
C VAL A 200 -0.12 -4.97 -17.53
N ILE A 201 0.25 -3.81 -18.07
CA ILE A 201 -0.62 -3.11 -19.02
C ILE A 201 -0.81 -3.92 -20.30
N LYS A 202 0.25 -4.57 -20.78
CA LYS A 202 0.19 -5.39 -21.99
C LYS A 202 -0.29 -6.82 -21.73
N GLN A 203 -0.28 -7.28 -20.48
CA GLN A 203 -0.67 -8.65 -20.11
C GLN A 203 0.13 -9.70 -20.87
N TYR A 206 2.45 -11.82 -15.95
CA TYR A 206 3.38 -11.12 -15.05
C TYR A 206 3.51 -11.84 -13.71
N ASP A 207 4.59 -11.53 -12.98
CA ASP A 207 4.88 -12.20 -11.73
C ASP A 207 5.23 -11.14 -10.68
N SER A 208 5.93 -11.58 -9.63
CA SER A 208 6.26 -10.69 -8.51
C SER A 208 7.13 -9.52 -8.93
N LYS A 209 7.82 -9.61 -10.06
CA LYS A 209 8.64 -8.47 -10.50
C LYS A 209 7.78 -7.25 -10.82
N ALA A 210 6.48 -7.44 -11.07
CA ALA A 210 5.60 -6.28 -11.26
C ALA A 210 5.52 -5.45 -9.99
N ASP A 211 5.60 -6.08 -8.81
CA ASP A 211 5.65 -5.31 -7.56
C ASP A 211 6.93 -4.50 -7.45
N ILE A 212 8.04 -5.00 -8.00
CA ILE A 212 9.29 -4.27 -7.95
C ILE A 212 9.20 -2.98 -8.76
N TRP A 213 8.61 -3.06 -9.97
CA TRP A 213 8.35 -1.85 -10.75
C TRP A 213 7.51 -0.85 -9.98
N SER A 214 6.34 -1.29 -9.48
CA SER A 214 5.50 -0.40 -8.69
C SER A 214 6.27 0.21 -7.50
N LEU A 215 7.21 -0.54 -6.92
CA LEU A 215 8.02 0.00 -5.83
C LEU A 215 8.93 1.13 -6.32
N GLY A 216 9.50 0.97 -7.53
CA GLY A 216 10.24 2.06 -8.14
C GLY A 216 9.40 3.30 -8.36
N ILE A 217 8.18 3.12 -8.89
CA ILE A 217 7.31 4.27 -9.06
C ILE A 217 6.99 4.88 -7.70
N THR A 218 6.77 4.02 -6.70
CA THR A 218 6.49 4.50 -5.34
C THR A 218 7.70 5.23 -4.76
N ALA A 219 8.91 4.79 -5.08
CA ALA A 219 10.09 5.53 -4.64
C ALA A 219 10.10 6.94 -5.22
N ILE A 220 9.74 7.10 -6.51
CA ILE A 220 9.65 8.43 -7.08
C ILE A 220 8.55 9.24 -6.39
N GLU A 221 7.45 8.57 -6.07
CA GLU A 221 6.33 9.26 -5.45
C GLU A 221 6.71 9.77 -4.07
N LEU A 222 7.52 9.00 -3.33
CA LEU A 222 7.91 9.44 -2.00
C LEU A 222 8.95 10.56 -2.06
N ALA A 223 9.79 10.60 -3.10
CA ALA A 223 10.80 11.65 -3.23
C ALA A 223 10.19 12.93 -3.78
N ARG A 224 9.27 12.80 -4.75
CA ARG A 224 8.80 13.94 -5.53
C ARG A 224 7.36 14.35 -5.23
N GLY A 225 6.55 13.49 -4.61
CA GLY A 225 5.20 13.83 -4.22
C GLY A 225 4.12 13.20 -5.07
N GLU A 226 4.45 12.73 -6.27
CA GLU A 226 3.49 12.16 -7.19
C GLU A 226 4.25 11.26 -8.17
N PRO A 227 3.56 10.34 -8.84
CA PRO A 227 4.26 9.43 -9.77
C PRO A 227 4.57 10.13 -11.09
N PRO A 228 5.42 9.55 -11.92
CA PRO A 228 5.59 10.09 -13.27
C PRO A 228 4.25 10.20 -13.99
N HIS A 229 4.14 11.21 -14.85
CA HIS A 229 3.00 11.41 -15.75
C HIS A 229 1.75 11.84 -15.02
N SER A 230 1.87 12.31 -13.78
CA SER A 230 0.69 12.52 -12.96
C SER A 230 -0.19 13.65 -13.48
N GLU A 231 0.34 14.49 -14.35
CA GLU A 231 -0.42 15.59 -14.92
C GLU A 231 -1.25 15.16 -16.13
N LEU A 232 -1.06 13.95 -16.62
CA LEU A 232 -1.60 13.53 -17.90
C LEU A 232 -2.87 12.71 -17.74
N HIS A 233 -3.62 12.62 -18.83
CA HIS A 233 -4.83 11.83 -18.82
C HIS A 233 -4.48 10.35 -18.66
N PRO A 234 -5.21 9.61 -17.83
CA PRO A 234 -4.86 8.20 -17.59
C PRO A 234 -4.79 7.37 -18.86
N MET A 235 -5.65 7.65 -19.85
CA MET A 235 -5.60 6.86 -21.07
C MET A 235 -4.38 7.19 -21.92
N LYS A 236 -3.81 8.39 -21.80
CA LYS A 236 -2.50 8.62 -22.41
C LYS A 236 -1.41 7.84 -21.68
N VAL A 237 -1.46 7.79 -20.34
CA VAL A 237 -0.47 7.03 -19.57
C VAL A 237 -0.51 5.55 -19.92
N LEU A 238 -1.67 5.05 -20.36
CA LEU A 238 -1.82 3.64 -20.67
C LEU A 238 -0.94 3.22 -21.83
N PHE A 239 -0.74 4.10 -22.81
CA PHE A 239 0.20 3.80 -23.88
C PHE A 239 1.59 4.41 -23.64
N LEU A 240 1.70 5.41 -22.77
CA LEU A 240 3.02 5.96 -22.49
C LEU A 240 3.91 4.93 -21.78
N ILE A 241 3.38 4.26 -20.74
CA ILE A 241 4.23 3.35 -19.96
C ILE A 241 4.87 2.27 -20.82
N PRO A 242 4.14 1.50 -21.65
CA PRO A 242 4.83 0.55 -22.53
C PRO A 242 5.67 1.21 -23.62
N LYS A 243 5.27 2.39 -24.11
CA LYS A 243 5.97 3.00 -25.24
C LYS A 243 7.33 3.59 -24.83
N ASN A 244 7.35 4.36 -23.75
CA ASN A 244 8.50 5.17 -23.39
C ASN A 244 9.56 4.38 -22.65
N ASN A 245 10.76 4.95 -22.57
CA ASN A 245 11.77 4.45 -21.66
C ASN A 245 11.27 4.61 -20.22
N PRO A 246 11.80 3.81 -19.29
CA PRO A 246 11.31 3.88 -17.92
C PRO A 246 11.55 5.25 -17.31
N PRO A 247 10.69 5.68 -16.40
CA PRO A 247 10.93 6.95 -15.71
C PRO A 247 12.23 6.92 -14.95
N THR A 248 12.84 8.10 -14.80
CA THR A 248 13.97 8.27 -13.90
C THR A 248 13.58 9.28 -12.81
N LEU A 249 14.27 9.21 -11.68
CA LEU A 249 14.08 10.20 -10.62
C LEU A 249 14.87 11.46 -10.96
N GLU A 250 14.18 12.59 -11.09
CA GLU A 250 14.80 13.83 -11.52
C GLU A 250 14.82 14.83 -10.37
N GLY A 251 15.96 15.52 -10.20
CA GLY A 251 16.14 16.46 -9.12
C GLY A 251 17.42 16.19 -8.36
N ASN A 252 17.63 17.01 -7.31
CA ASN A 252 18.83 16.97 -6.48
C ASN A 252 18.70 15.90 -5.40
N TYR A 253 18.65 14.64 -5.84
CA TYR A 253 18.62 13.50 -4.95
C TYR A 253 19.92 12.71 -5.03
N SER A 254 20.19 11.95 -3.97
CA SER A 254 21.46 11.23 -3.95
C SER A 254 21.49 10.23 -5.08
N LYS A 255 22.69 9.95 -5.53
CA LYS A 255 22.89 8.94 -6.55
C LYS A 255 22.43 7.54 -6.17
N PRO A 256 22.73 7.03 -4.96
CA PRO A 256 22.13 5.73 -4.57
C PRO A 256 20.61 5.71 -4.71
N LEU A 257 19.92 6.79 -4.36
CA LEU A 257 18.48 6.77 -4.51
C LEU A 257 18.10 6.74 -6.00
N LYS A 258 18.81 7.50 -6.84
CA LYS A 258 18.53 7.46 -8.26
C LYS A 258 18.81 6.08 -8.84
N GLU A 259 19.88 5.42 -8.37
CA GLU A 259 20.17 4.06 -8.80
C GLU A 259 19.15 3.04 -8.23
N PHE A 260 18.66 3.25 -7.01
CA PHE A 260 17.59 2.38 -6.51
C PHE A 260 16.38 2.42 -7.44
N VAL A 261 15.95 3.62 -7.80
CA VAL A 261 14.83 3.81 -8.73
C VAL A 261 15.12 3.15 -10.08
N GLU A 262 16.28 3.46 -10.67
CA GLU A 262 16.65 2.85 -11.95
C GLU A 262 16.65 1.32 -11.86
N ALA A 263 17.14 0.76 -10.76
CA ALA A 263 17.15 -0.70 -10.64
C ALA A 263 15.73 -1.28 -10.69
N CYS A 264 14.78 -0.68 -9.97
CA CYS A 264 13.40 -1.13 -10.01
C CYS A 264 12.79 -0.97 -11.40
N LEU A 265 13.07 0.17 -12.04
CA LEU A 265 12.37 0.59 -13.25
C LEU A 265 13.19 0.22 -14.49
N ASN A 266 13.28 -1.08 -14.71
CA ASN A 266 13.80 -1.64 -15.95
C ASN A 266 12.61 -2.25 -16.69
N LYS A 267 12.49 -1.96 -17.99
CA LYS A 267 11.38 -2.52 -18.76
C LYS A 267 11.38 -4.03 -18.71
N GLU A 268 12.57 -4.65 -18.71
CA GLU A 268 12.73 -6.10 -18.67
C GLU A 268 12.62 -6.65 -17.24
N PRO A 269 11.55 -7.38 -16.92
CA PRO A 269 11.33 -7.82 -15.52
C PRO A 269 12.47 -8.65 -14.93
N SER A 270 13.08 -9.54 -15.71
CA SER A 270 14.16 -10.37 -15.18
C SER A 270 15.38 -9.54 -14.79
N PHE A 271 15.53 -8.34 -15.37
CA PHE A 271 16.59 -7.42 -14.94
C PHE A 271 16.24 -6.68 -13.66
N ARG A 272 15.00 -6.77 -13.19
CA ARG A 272 14.72 -6.13 -11.91
C ARG A 272 15.20 -7.04 -10.77
N PRO A 273 15.82 -6.48 -9.74
CA PRO A 273 16.25 -7.30 -8.61
C PRO A 273 15.06 -7.77 -7.79
N THR A 274 15.29 -8.83 -7.02
CA THR A 274 14.30 -9.28 -6.04
C THR A 274 14.26 -8.33 -4.85
N ALA A 275 13.17 -8.44 -4.07
CA ALA A 275 13.05 -7.62 -2.87
C ALA A 275 14.15 -7.97 -1.86
N LYS A 276 14.50 -9.26 -1.74
CA LYS A 276 15.62 -9.66 -0.90
C LYS A 276 16.88 -8.88 -1.29
N GLU A 277 17.15 -8.79 -2.59
CA GLU A 277 18.38 -8.10 -3.00
C GLU A 277 18.28 -6.61 -2.70
N LEU A 278 17.11 -6.00 -2.90
CA LEU A 278 16.99 -4.57 -2.69
C LEU A 278 17.10 -4.19 -1.22
N LEU A 279 16.78 -5.12 -0.32
CA LEU A 279 17.01 -4.88 1.09
C LEU A 279 18.49 -4.66 1.40
N LYS A 280 19.40 -5.12 0.53
CA LYS A 280 20.83 -4.90 0.68
C LYS A 280 21.35 -3.76 -0.18
N HIS A 281 20.46 -3.04 -0.85
CA HIS A 281 20.87 -1.95 -1.72
C HIS A 281 21.53 -0.86 -0.90
N LYS A 282 22.59 -0.27 -1.46
CA LYS A 282 23.36 0.72 -0.70
C LYS A 282 22.51 1.92 -0.30
N PHE A 283 21.54 2.32 -1.12
CA PHE A 283 20.67 3.39 -0.67
C PHE A 283 19.98 3.02 0.64
N ILE A 284 19.47 1.79 0.72
CA ILE A 284 18.78 1.35 1.92
C ILE A 284 19.75 1.26 3.10
N LEU A 285 20.87 0.58 2.89
CA LEU A 285 21.81 0.33 3.97
C LEU A 285 22.38 1.64 4.52
N ARG A 286 22.71 2.59 3.65
CA ARG A 286 23.33 3.84 4.11
C ARG A 286 22.30 4.84 4.67
N ASN A 287 21.01 4.68 4.43
CA ASN A 287 20.07 5.75 4.78
C ASN A 287 18.93 5.35 5.72
N ALA A 288 18.52 4.08 5.74
CA ALA A 288 17.39 3.70 6.58
C ALA A 288 17.77 3.69 8.06
N LYS A 289 16.83 4.10 8.91
CA LYS A 289 17.04 4.11 10.35
C LYS A 289 15.83 3.45 11.00
N LYS A 290 15.82 3.41 12.34
CA LYS A 290 14.71 2.77 13.06
C LYS A 290 13.35 3.37 12.64
N THR A 291 12.33 2.48 12.51
CA THR A 291 10.99 2.94 12.14
C THR A 291 10.41 3.89 13.16
N SER A 292 10.77 3.73 14.43
CA SER A 292 10.22 4.60 15.47
C SER A 292 10.50 6.07 15.18
N TYR A 293 11.55 6.36 14.41
CA TYR A 293 11.83 7.75 14.05
C TYR A 293 10.71 8.35 13.22
N LEU A 294 9.92 7.51 12.53
CA LEU A 294 8.86 8.00 11.66
C LEU A 294 7.70 8.63 12.44
N THR A 295 7.68 8.50 13.77
CA THR A 295 6.67 9.20 14.56
C THR A 295 6.81 10.72 14.44
N GLU A 296 8.03 11.21 14.16
CA GLU A 296 8.20 12.64 13.92
C GLU A 296 7.43 13.07 12.68
N LEU A 297 7.43 12.22 11.65
CA LEU A 297 6.68 12.50 10.44
C LEU A 297 5.18 12.45 10.70
N ILE A 298 4.73 11.54 11.57
CA ILE A 298 3.31 11.48 11.92
C ILE A 298 2.90 12.70 12.73
N ASP A 299 3.75 13.12 13.69
CA ASP A 299 3.45 14.32 14.48
C ASP A 299 3.42 15.56 13.60
N ALA A 300 4.33 15.64 12.61
CA ALA A 300 4.31 16.74 11.65
C ALA A 300 2.98 16.81 10.92
N HIS A 301 2.46 15.67 10.44
CA HIS A 301 1.19 15.66 9.76
C HIS A 301 0.05 16.11 10.69
N HIS A 302 0.19 15.91 12.00
CA HIS A 302 -0.82 16.36 12.94
C HIS A 302 -0.73 17.87 13.20
N HIS A 303 0.49 18.42 13.22
CA HIS A 303 0.67 19.86 13.40
C HIS A 303 0.33 20.65 12.15
N HIS A 304 0.29 20.00 10.99
CA HIS A 304 -0.03 20.66 9.72
C HIS A 304 -1.53 20.91 9.59
C1 EDO B . -0.06 -0.84 18.23
O1 EDO B . -0.63 0.28 18.92
C2 EDO B . -0.23 -2.15 19.00
O2 EDO B . -1.56 -2.70 18.83
C1 EDO C . 18.63 -9.21 -10.75
O1 EDO C . 17.56 -8.94 -11.66
C2 EDO C . 18.27 -10.40 -9.86
O2 EDO C . 19.47 -10.92 -9.32
C1 EDO D . 4.05 -15.08 -7.28
O1 EDO D . 4.67 -14.27 -6.26
C2 EDO D . 4.38 -14.59 -8.69
O2 EDO D . 5.80 -14.39 -8.89
C1 EDO E . -5.73 1.96 -4.24
O1 EDO E . -5.81 2.71 -3.02
C2 EDO E . -5.94 2.84 -5.46
O2 EDO E . -5.37 2.19 -6.61
C1 EDO F . 11.51 -12.51 -14.55
O1 EDO F . 10.29 -11.80 -14.71
C2 EDO F . 11.84 -12.66 -13.06
O2 EDO F . 13.24 -12.86 -12.89
C1 EDO G . 18.48 -8.89 2.52
O1 EDO G . 17.84 -10.08 2.02
C2 EDO G . 18.83 -9.00 4.00
O2 EDO G . 19.66 -7.89 4.38
C1 EDO H . 4.78 6.27 20.25
O1 EDO H . 5.16 4.95 19.81
C2 EDO H . 3.27 6.50 20.15
O2 EDO H . 2.55 5.68 21.10
C1 SQK I . -6.38 2.71 8.42
O1 SQK I . -6.35 3.15 3.75
C2 SQK I . -6.65 0.45 8.55
C3 SQK I . -7.59 1.71 6.77
C4 SQK I . -7.39 0.44 7.36
C5 SQK I . -7.94 -0.71 6.70
C6 SQK I . -8.67 -0.60 5.55
C7 SQK I . -9.19 -1.79 4.84
C8 SQK I . -10.20 -2.59 5.35
C9 SQK I . -10.69 -3.68 4.65
C10 SQK I . -10.20 -3.99 3.39
C11 SQK I . -10.73 -5.15 2.63
C12 SQK I . -10.60 -6.46 3.08
N SQK I . -5.86 3.82 8.93
C SQK I . -5.92 5.10 8.25
O SQK I . -9.67 0.87 4.03
C13 SQK I . -11.07 -7.49 2.28
C14 SQK I . -11.67 -7.18 1.08
C15 SQK I . -11.80 -5.84 0.70
C16 SQK I . -12.52 -5.45 -0.56
C17 SQK I . -9.20 -3.18 2.86
C18 SQK I . -8.69 -2.10 3.57
C19 SQK I . -8.92 0.70 4.98
C20 SQK I . -8.48 3.10 4.92
C21 SQK I . -7.75 3.08 3.59
C22 SQK I . -5.68 2.94 2.49
C23 SQK I . -6.19 3.90 1.42
C24 SQK I . -7.72 3.97 1.42
F SQK I . -10.08 -6.75 4.29
N1 SQK I . -6.14 1.56 9.08
N2 SQK I . -7.09 2.84 7.28
N3 SQK I . -11.32 -4.85 1.46
N4 SQK I . -8.34 1.80 5.60
N5 SQK I . -5.70 3.49 0.12
O2 SQK I . -8.24 4.09 2.75
CL SQK I . -10.94 -2.20 6.87
#